data_2PH5
#
_entry.id   2PH5
#
_cell.length_a   95.848
_cell.length_b   146.902
_cell.length_c   85.685
_cell.angle_alpha   90.00
_cell.angle_beta   90.00
_cell.angle_gamma   90.00
#
_symmetry.space_group_name_H-M   'C 2 2 21'
#
loop_
_entity.id
_entity.type
_entity.pdbx_description
1 polymer 'Homospermidine synthase'
2 non-polymer 'SULFATE ION'
3 non-polymer NICOTINAMIDE-ADENINE-DINUCLEOTIDE
4 water water
#
_entity_poly.entity_id   1
_entity_poly.type   'polypeptide(L)'
_entity_poly.pdbx_seq_one_letter_code
;(MSE)DKNHNTKKILFKNRFVILGFGCVGQAL(MSE)PLIFEKFDIKPSQVTIIAAEGTKVDVAQQYGVSFKLQQITPQN
YLEVIGSTLEENDFLIDVSIGISSLALIILCNQKGALYINAATEPWKEEFV(MSE)EK(MSE)ALNRRTNYSLREEVLRL
KDKTQKTALITHGANPGLVSHFIKEALLNIAKDNGLTINRPKNAAEWANLA(MSE)TLGIKVIHVAEQDSQVTYPPKSPG
EFVNTWSANGLILEGLQPAEIGWGTHEAHWPHDAYSHSNGPQCAIYLSRPSAGV(MSE)VRSWTPTLGAFHGFLITHAET
ISLTNFLTLKNGSELLYRPTVHYAYNPCPDARLSIFELKSNEWKPQNKNRLILNEIIDGCDELGVLL(MSE)GNQRGAYW
YGSTLSIQEARQIAPYNNATSLQVVAS(MSE)ISGIIWAIEHPDEGIVEPEEVDHQYIIDIAKPYLGKVGGYYTDWTPLK
NRGELYPEEVDLSDPWQFFNIRVNLEHHHHHH
;
_entity_poly.pdbx_strand_id   A
#
loop_
_chem_comp.id
_chem_comp.type
_chem_comp.name
_chem_comp.formula
NAD non-polymer NICOTINAMIDE-ADENINE-DINUCLEOTIDE 'C21 H27 N7 O14 P2'
SO4 non-polymer 'SULFATE ION' 'O4 S -2'
#
# COMPACT_ATOMS: atom_id res chain seq x y z
N ASN A 6 7.34 5.04 -29.60
CA ASN A 6 7.26 5.70 -28.26
C ASN A 6 6.68 7.11 -28.38
N THR A 7 5.39 7.18 -28.70
CA THR A 7 4.69 8.46 -28.85
C THR A 7 4.41 9.08 -27.49
N LYS A 8 4.52 8.27 -26.44
CA LYS A 8 4.29 8.76 -25.09
C LYS A 8 5.55 8.56 -24.24
N LYS A 9 6.70 8.63 -24.87
CA LYS A 9 7.97 8.45 -24.18
C LYS A 9 8.43 9.79 -23.60
N ILE A 10 8.33 9.93 -22.28
CA ILE A 10 8.72 11.17 -21.60
C ILE A 10 10.22 11.44 -21.68
N LEU A 11 10.61 12.65 -22.09
CA LEU A 11 12.02 13.01 -22.19
C LEU A 11 12.55 13.41 -20.81
N PHE A 12 13.72 12.89 -20.47
CA PHE A 12 14.34 13.17 -19.19
C PHE A 12 15.82 13.43 -19.38
N LYS A 13 16.24 14.65 -19.08
CA LYS A 13 17.64 15.05 -19.25
C LYS A 13 18.50 14.86 -18.00
N ASN A 14 17.89 14.40 -16.92
CA ASN A 14 18.63 14.19 -15.68
C ASN A 14 18.94 12.73 -15.41
N ARG A 15 19.16 12.39 -14.15
CA ARG A 15 19.47 11.01 -13.83
C ARG A 15 18.62 10.48 -12.72
N PHE A 16 18.43 9.16 -12.72
CA PHE A 16 17.64 8.50 -11.70
C PHE A 16 18.57 7.75 -10.74
N VAL A 17 18.56 8.14 -9.47
CA VAL A 17 19.38 7.44 -8.49
C VAL A 17 18.44 6.55 -7.68
N ILE A 18 18.56 5.24 -7.85
CA ILE A 18 17.70 4.37 -7.07
C ILE A 18 18.50 3.61 -6.03
N LEU A 19 18.17 3.82 -4.76
CA LEU A 19 18.91 3.10 -3.71
C LEU A 19 18.05 1.94 -3.29
N GLY A 20 18.67 0.77 -3.24
CA GLY A 20 17.97 -0.45 -2.90
C GLY A 20 17.70 -1.14 -4.21
N PHE A 21 17.76 -2.47 -4.23
CA PHE A 21 17.49 -3.20 -5.47
C PHE A 21 16.88 -4.56 -5.14
N GLY A 22 15.82 -4.55 -4.34
CA GLY A 22 15.15 -5.78 -3.97
C GLY A 22 13.96 -6.12 -4.86
N CYS A 23 12.89 -6.56 -4.20
CA CYS A 23 11.64 -6.94 -4.87
C CYS A 23 11.10 -5.80 -5.72
N VAL A 24 10.92 -4.64 -5.11
CA VAL A 24 10.40 -3.46 -5.80
C VAL A 24 11.38 -2.88 -6.84
N GLY A 25 12.59 -2.56 -6.39
CA GLY A 25 13.59 -1.98 -7.27
C GLY A 25 13.82 -2.72 -8.57
N GLN A 26 13.98 -4.03 -8.51
CA GLN A 26 14.20 -4.82 -9.73
C GLN A 26 12.99 -4.75 -10.63
N ALA A 27 11.80 -4.80 -10.04
CA ALA A 27 10.58 -4.77 -10.82
C ALA A 27 10.27 -3.40 -11.43
N LEU A 28 10.95 -2.37 -10.94
CA LEU A 28 10.73 -1.02 -11.43
C LEU A 28 11.49 -0.76 -12.73
N MSE A 29 12.70 -1.30 -12.82
CA MSE A 29 13.55 -1.12 -13.99
C MSE A 29 12.83 -1.07 -15.33
O MSE A 29 12.94 -0.07 -16.06
CB MSE A 29 14.61 -2.21 -14.04
CG MSE A 29 15.69 -2.03 -13.01
SE MSE A 29 16.80 -0.53 -13.44
CE MSE A 29 18.35 -1.49 -14.07
N PRO A 30 12.09 -2.12 -15.67
CA PRO A 30 11.35 -2.16 -16.94
C PRO A 30 10.44 -0.96 -17.19
N LEU A 31 9.70 -0.54 -16.17
CA LEU A 31 8.77 0.59 -16.32
C LEU A 31 9.46 1.93 -16.55
N ILE A 32 10.68 2.08 -16.05
CA ILE A 32 11.41 3.33 -16.22
C ILE A 32 11.87 3.50 -17.67
N PHE A 33 12.38 2.42 -18.25
CA PHE A 33 12.85 2.48 -19.63
C PHE A 33 11.67 2.38 -20.59
N GLU A 34 10.51 2.00 -20.06
CA GLU A 34 9.32 1.88 -20.88
C GLU A 34 8.60 3.22 -21.01
N LYS A 35 8.70 4.04 -19.96
CA LYS A 35 8.06 5.35 -19.95
C LYS A 35 9.02 6.51 -20.16
N PHE A 36 10.32 6.25 -20.12
CA PHE A 36 11.29 7.32 -20.31
C PHE A 36 12.27 7.07 -21.43
N ASP A 37 12.49 8.10 -22.26
CA ASP A 37 13.42 8.01 -23.37
C ASP A 37 14.77 8.40 -22.80
N ILE A 38 15.17 7.63 -21.80
CA ILE A 38 16.41 7.86 -21.08
C ILE A 38 17.47 6.83 -21.45
N LYS A 39 18.73 7.17 -21.19
CA LYS A 39 19.84 6.28 -21.48
C LYS A 39 20.15 5.52 -20.19
N PRO A 40 20.68 4.30 -20.32
CA PRO A 40 21.01 3.54 -19.12
C PRO A 40 22.06 4.29 -18.28
N SER A 41 22.92 5.06 -18.93
CA SER A 41 23.94 5.82 -18.20
C SER A 41 23.28 6.85 -17.26
N GLN A 42 22.02 7.17 -17.53
CA GLN A 42 21.31 8.12 -16.69
C GLN A 42 20.68 7.45 -15.48
N VAL A 43 21.06 6.20 -15.23
CA VAL A 43 20.54 5.48 -14.09
C VAL A 43 21.70 4.90 -13.29
N THR A 44 21.57 4.91 -11.97
CA THR A 44 22.60 4.40 -11.07
C THR A 44 21.88 3.72 -9.88
N ILE A 45 22.40 2.58 -9.46
CA ILE A 45 21.82 1.80 -8.36
C ILE A 45 22.79 1.58 -7.21
N ILE A 46 22.35 1.82 -5.98
CA ILE A 46 23.16 1.63 -4.79
C ILE A 46 22.40 0.70 -3.88
N ALA A 47 23.01 -0.41 -3.48
CA ALA A 47 22.37 -1.39 -2.61
C ALA A 47 23.41 -2.08 -1.72
N ALA A 48 22.98 -2.59 -0.57
CA ALA A 48 23.91 -3.25 0.35
C ALA A 48 24.21 -4.70 0.02
N GLU A 49 23.23 -5.40 -0.53
CA GLU A 49 23.40 -6.80 -0.88
C GLU A 49 23.27 -6.97 -2.39
N GLY A 50 24.11 -7.83 -2.93
CA GLY A 50 24.08 -8.10 -4.36
C GLY A 50 22.82 -8.87 -4.68
N THR A 51 22.78 -9.50 -5.85
CA THR A 51 21.61 -10.26 -6.25
C THR A 51 21.95 -11.34 -7.25
N LYS A 52 21.22 -12.44 -7.20
CA LYS A 52 21.46 -13.54 -8.12
C LYS A 52 20.75 -13.27 -9.44
N VAL A 53 20.14 -12.09 -9.54
CA VAL A 53 19.42 -11.72 -10.75
C VAL A 53 20.28 -10.80 -11.63
N ASP A 54 20.03 -10.85 -12.93
CA ASP A 54 20.80 -10.06 -13.86
C ASP A 54 20.03 -8.87 -14.46
N VAL A 55 19.09 -8.33 -13.69
CA VAL A 55 18.28 -7.21 -14.16
C VAL A 55 19.16 -6.01 -14.53
N ALA A 56 20.05 -5.60 -13.61
CA ALA A 56 20.94 -4.48 -13.89
C ALA A 56 21.78 -4.73 -15.14
N GLN A 57 22.29 -5.95 -15.30
CA GLN A 57 23.12 -6.27 -16.46
C GLN A 57 22.37 -6.25 -17.78
N GLN A 58 21.09 -6.63 -17.75
CA GLN A 58 20.29 -6.64 -18.97
C GLN A 58 20.04 -5.24 -19.48
N TYR A 59 19.90 -4.29 -18.56
CA TYR A 59 19.65 -2.91 -18.95
C TYR A 59 20.94 -2.11 -19.03
N GLY A 60 22.02 -2.67 -18.51
CA GLY A 60 23.31 -1.99 -18.53
C GLY A 60 23.35 -0.80 -17.59
N VAL A 61 22.76 -0.95 -16.41
CA VAL A 61 22.74 0.12 -15.44
C VAL A 61 23.78 -0.13 -14.36
N SER A 62 24.58 0.88 -14.09
CA SER A 62 25.63 0.81 -13.07
C SER A 62 25.06 0.36 -11.73
N PHE A 63 25.80 -0.48 -11.02
CA PHE A 63 25.37 -0.99 -9.71
C PHE A 63 26.52 -0.92 -8.73
N LYS A 64 26.30 -0.17 -7.65
CA LYS A 64 27.31 0.01 -6.63
C LYS A 64 26.95 -0.72 -5.35
N LEU A 65 27.80 -1.64 -4.93
CA LEU A 65 27.56 -2.40 -3.73
C LEU A 65 28.04 -1.61 -2.51
N GLN A 66 27.11 -1.04 -1.75
CA GLN A 66 27.51 -0.29 -0.57
C GLN A 66 26.41 -0.18 0.46
N GLN A 67 26.80 -0.21 1.72
CA GLN A 67 25.85 -0.08 2.82
C GLN A 67 25.74 1.39 3.19
N ILE A 68 24.52 1.93 3.18
CA ILE A 68 24.30 3.33 3.51
C ILE A 68 24.08 3.47 5.01
N THR A 69 24.87 4.31 5.65
CA THR A 69 24.75 4.47 7.09
C THR A 69 24.55 5.94 7.43
N PRO A 70 24.30 6.23 8.71
CA PRO A 70 24.11 7.63 9.15
C PRO A 70 25.43 8.40 8.99
N GLN A 71 26.55 7.69 9.10
CA GLN A 71 27.88 8.29 8.99
C GLN A 71 28.39 8.58 7.57
N ASN A 72 27.79 7.95 6.55
CA ASN A 72 28.24 8.18 5.17
C ASN A 72 27.19 8.57 4.16
N TYR A 73 25.92 8.53 4.54
CA TYR A 73 24.86 8.86 3.59
C TYR A 73 25.00 10.25 2.98
N LEU A 74 25.44 11.23 3.77
CA LEU A 74 25.58 12.58 3.24
C LEU A 74 26.57 12.67 2.10
N GLU A 75 27.65 11.91 2.19
CA GLU A 75 28.65 11.94 1.13
C GLU A 75 28.35 10.96 -0.01
N VAL A 76 28.05 9.72 0.34
CA VAL A 76 27.74 8.71 -0.68
C VAL A 76 26.55 9.09 -1.55
N ILE A 77 25.42 9.38 -0.89
CA ILE A 77 24.19 9.74 -1.59
C ILE A 77 24.25 11.19 -2.09
N GLY A 78 24.79 12.07 -1.25
CA GLY A 78 24.89 13.47 -1.62
C GLY A 78 25.68 13.74 -2.88
N SER A 79 26.80 13.04 -3.07
CA SER A 79 27.63 13.26 -4.24
C SER A 79 27.06 12.64 -5.49
N THR A 80 25.90 12.01 -5.35
CA THR A 80 25.30 11.37 -6.49
C THR A 80 24.08 12.13 -7.02
N LEU A 81 23.65 13.15 -6.27
CA LEU A 81 22.48 13.96 -6.65
C LEU A 81 22.77 15.41 -7.04
N GLU A 82 22.31 15.80 -8.22
CA GLU A 82 22.49 17.16 -8.72
C GLU A 82 21.09 17.79 -8.78
N GLU A 83 21.01 19.11 -8.93
CA GLU A 83 19.71 19.75 -8.97
C GLU A 83 18.82 19.15 -10.06
N ASN A 84 17.58 18.82 -9.69
CA ASN A 84 16.59 18.23 -10.61
C ASN A 84 16.71 16.72 -10.82
N ASP A 85 17.66 16.08 -10.14
CA ASP A 85 17.79 14.65 -10.26
C ASP A 85 16.65 14.02 -9.45
N PHE A 86 16.51 12.71 -9.56
CA PHE A 86 15.42 12.05 -8.86
C PHE A 86 15.92 10.83 -8.07
N LEU A 87 15.75 10.86 -6.76
CA LEU A 87 16.17 9.74 -5.92
C LEU A 87 14.97 8.81 -5.69
N ILE A 88 14.97 7.65 -6.34
CA ILE A 88 13.88 6.69 -6.13
C ILE A 88 14.31 5.84 -4.93
N ASP A 89 13.59 6.00 -3.82
CA ASP A 89 13.90 5.27 -2.59
C ASP A 89 13.09 4.00 -2.49
N VAL A 90 13.75 2.86 -2.69
CA VAL A 90 13.08 1.56 -2.59
C VAL A 90 13.95 0.65 -1.71
N SER A 91 14.51 1.23 -0.65
CA SER A 91 15.38 0.52 0.29
C SER A 91 14.66 0.21 1.59
N ILE A 92 15.41 -0.33 2.54
CA ILE A 92 14.89 -0.62 3.86
C ILE A 92 15.98 -0.23 4.87
N GLY A 93 15.57 0.06 6.10
CA GLY A 93 16.56 0.43 7.11
C GLY A 93 17.28 1.76 6.93
N ILE A 94 16.84 2.59 5.98
CA ILE A 94 17.47 3.90 5.79
C ILE A 94 16.46 5.01 6.05
N SER A 95 16.84 5.99 6.87
CA SER A 95 15.97 7.10 7.24
C SER A 95 15.39 7.92 6.07
N SER A 96 14.10 7.74 5.81
CA SER A 96 13.42 8.49 4.75
C SER A 96 13.55 9.98 5.05
N LEU A 97 13.39 10.33 6.32
CA LEU A 97 13.48 11.72 6.76
C LEU A 97 14.83 12.29 6.38
N ALA A 98 15.89 11.53 6.68
CA ALA A 98 17.24 11.97 6.38
C ALA A 98 17.43 12.12 4.88
N LEU A 99 16.95 11.14 4.11
CA LEU A 99 17.06 11.18 2.65
C LEU A 99 16.27 12.35 2.05
N ILE A 100 15.07 12.57 2.59
CA ILE A 100 14.20 13.65 2.13
C ILE A 100 14.89 15.02 2.26
N ILE A 101 15.36 15.33 3.46
CA ILE A 101 16.06 16.58 3.71
C ILE A 101 17.25 16.72 2.75
N LEU A 102 18.07 15.68 2.67
CA LEU A 102 19.22 15.70 1.79
C LEU A 102 18.84 16.04 0.36
N CYS A 103 17.78 15.41 -0.14
CA CYS A 103 17.33 15.67 -1.50
C CYS A 103 16.99 17.13 -1.70
N ASN A 104 16.29 17.71 -0.72
CA ASN A 104 15.91 19.11 -0.80
C ASN A 104 17.15 19.99 -0.92
N GLN A 105 18.14 19.72 -0.08
CA GLN A 105 19.39 20.47 -0.08
C GLN A 105 20.03 20.41 -1.46
N LYS A 106 19.93 19.24 -2.08
CA LYS A 106 20.52 19.03 -3.40
C LYS A 106 19.59 19.47 -4.51
N GLY A 107 18.38 19.87 -4.15
CA GLY A 107 17.41 20.29 -5.14
C GLY A 107 16.92 19.12 -5.99
N ALA A 108 17.02 17.90 -5.47
CA ALA A 108 16.58 16.72 -6.21
C ALA A 108 15.22 16.17 -5.78
N LEU A 109 14.52 15.53 -6.70
CA LEU A 109 13.20 14.94 -6.44
C LEU A 109 13.35 13.69 -5.58
N TYR A 110 12.26 13.23 -5.00
CA TYR A 110 12.34 12.04 -4.17
C TYR A 110 10.98 11.38 -4.09
N ILE A 111 10.99 10.05 -3.96
CA ILE A 111 9.78 9.24 -3.83
C ILE A 111 10.12 7.97 -3.05
N ASN A 112 9.13 7.38 -2.40
CA ASN A 112 9.33 6.12 -1.69
C ASN A 112 8.02 5.39 -1.64
N ALA A 113 8.09 4.09 -1.35
CA ALA A 113 6.88 3.28 -1.26
C ALA A 113 6.54 3.06 0.21
N ALA A 114 7.36 3.62 1.11
CA ALA A 114 7.11 3.51 2.55
C ALA A 114 8.13 4.29 3.39
N THR A 115 7.66 4.91 4.47
CA THR A 115 8.54 5.67 5.34
C THR A 115 9.31 4.74 6.26
N GLU A 116 10.63 4.86 6.24
CA GLU A 116 11.49 3.99 7.05
C GLU A 116 12.52 4.79 7.87
N PRO A 117 12.93 4.24 9.02
CA PRO A 117 13.90 4.87 9.91
C PRO A 117 15.26 4.18 9.70
N TRP A 118 16.28 4.60 10.45
CA TRP A 118 17.60 3.97 10.33
C TRP A 118 17.52 2.56 10.93
N LYS A 119 18.29 1.64 10.37
CA LYS A 119 18.29 0.26 10.87
C LYS A 119 18.73 0.19 12.32
N GLU A 120 17.96 -0.52 13.15
CA GLU A 120 18.30 -0.68 14.56
C GLU A 120 17.66 -1.94 15.12
N ARG A 131 11.62 -0.90 15.76
CA ARG A 131 10.54 -1.11 16.71
C ARG A 131 9.82 0.20 17.03
N ARG A 132 10.24 1.28 16.37
CA ARG A 132 9.62 2.59 16.59
C ARG A 132 8.26 2.61 15.90
N THR A 133 7.23 3.07 16.62
CA THR A 133 5.86 3.12 16.10
C THR A 133 5.76 3.71 14.70
N ASN A 134 4.83 3.18 13.92
CA ASN A 134 4.61 3.65 12.56
C ASN A 134 4.02 5.06 12.57
N TYR A 135 3.48 5.43 13.72
CA TYR A 135 2.87 6.75 13.90
C TYR A 135 3.93 7.85 13.92
N SER A 136 4.88 7.72 14.85
CA SER A 136 5.97 8.70 15.00
C SER A 136 6.70 8.93 13.69
N LEU A 137 7.09 7.84 13.03
CA LEU A 137 7.81 7.92 11.77
C LEU A 137 7.13 8.85 10.78
N ARG A 138 5.79 8.76 10.71
CA ARG A 138 5.02 9.59 9.79
C ARG A 138 4.97 11.03 10.28
N GLU A 139 4.63 11.22 11.55
CA GLU A 139 4.56 12.58 12.08
C GLU A 139 5.92 13.27 12.07
N GLU A 140 6.97 12.50 12.31
CA GLU A 140 8.32 13.03 12.32
C GLU A 140 8.65 13.65 10.98
N VAL A 141 8.25 12.99 9.91
CA VAL A 141 8.54 13.48 8.57
C VAL A 141 7.48 14.43 8.06
N LEU A 142 6.26 14.27 8.58
CA LEU A 142 5.16 15.12 8.17
C LEU A 142 5.31 16.49 8.80
N ARG A 143 5.95 16.54 9.96
CA ARG A 143 6.17 17.82 10.65
C ARG A 143 7.27 18.62 9.95
N LEU A 144 7.40 18.41 8.64
CA LEU A 144 8.40 19.11 7.86
C LEU A 144 7.75 19.64 6.59
N LYS A 145 6.43 19.68 6.58
CA LYS A 145 5.65 20.15 5.45
C LYS A 145 6.17 21.47 4.88
N ASP A 146 6.20 22.51 5.71
CA ASP A 146 6.66 23.82 5.27
C ASP A 146 8.12 24.08 5.63
N LYS A 147 9.00 23.17 5.23
CA LYS A 147 10.44 23.31 5.48
C LYS A 147 11.25 23.07 4.21
N THR A 148 10.76 22.13 3.39
CA THR A 148 11.44 21.82 2.14
C THR A 148 10.61 22.36 0.98
N GLN A 149 11.27 22.59 -0.15
CA GLN A 149 10.62 23.12 -1.34
C GLN A 149 10.41 22.02 -2.37
N LYS A 150 11.46 21.27 -2.64
CA LYS A 150 11.40 20.17 -3.61
C LYS A 150 10.40 19.08 -3.24
N THR A 151 9.72 18.55 -4.25
CA THR A 151 8.70 17.53 -4.03
C THR A 151 9.24 16.18 -3.55
N ALA A 152 8.56 15.62 -2.56
CA ALA A 152 8.94 14.35 -2.00
C ALA A 152 7.65 13.57 -1.77
N LEU A 153 7.33 12.69 -2.72
CA LEU A 153 6.12 11.88 -2.65
C LEU A 153 6.40 10.66 -1.77
N ILE A 154 5.65 10.55 -0.67
CA ILE A 154 5.87 9.45 0.25
C ILE A 154 4.80 8.37 0.23
N THR A 155 5.18 7.18 0.70
CA THR A 155 4.29 6.02 0.77
C THR A 155 3.40 5.91 -0.46
N HIS A 156 4.02 5.97 -1.64
CA HIS A 156 3.26 5.89 -2.88
C HIS A 156 3.50 4.60 -3.63
N GLY A 157 3.02 3.48 -3.08
CA GLY A 157 3.16 2.20 -3.73
C GLY A 157 1.75 1.75 -4.06
N ALA A 158 1.51 0.44 -4.13
CA ALA A 158 0.17 -0.05 -4.42
C ALA A 158 -0.65 0.27 -3.17
N ASN A 159 -0.17 -0.15 -2.01
CA ASN A 159 -0.85 0.18 -0.77
C ASN A 159 0.14 0.12 0.37
N PRO A 160 0.38 1.26 1.02
CA PRO A 160 -0.22 2.57 0.75
C PRO A 160 0.10 3.12 -0.64
N GLY A 161 -0.78 3.99 -1.15
CA GLY A 161 -0.54 4.59 -2.45
C GLY A 161 -1.73 4.52 -3.38
N LEU A 162 -1.65 3.60 -4.33
CA LEU A 162 -2.70 3.40 -5.30
C LEU A 162 -4.05 3.28 -4.63
N VAL A 163 -4.07 2.66 -3.46
CA VAL A 163 -5.29 2.44 -2.68
C VAL A 163 -6.05 3.73 -2.38
N SER A 164 -5.31 4.78 -2.07
CA SER A 164 -5.89 6.08 -1.78
C SER A 164 -6.61 6.57 -3.06
N HIS A 165 -5.95 6.42 -4.20
CA HIS A 165 -6.58 6.86 -5.43
C HIS A 165 -7.80 6.03 -5.80
N PHE A 166 -7.83 4.78 -5.35
CA PHE A 166 -8.99 3.92 -5.64
C PHE A 166 -10.19 4.37 -4.81
N ILE A 167 -9.92 4.81 -3.57
CA ILE A 167 -11.02 5.24 -2.72
C ILE A 167 -11.72 6.46 -3.32
N LYS A 168 -10.94 7.44 -3.79
CA LYS A 168 -11.52 8.63 -4.39
C LYS A 168 -12.32 8.26 -5.64
N GLU A 169 -11.77 7.37 -6.45
CA GLU A 169 -12.45 6.96 -7.67
C GLU A 169 -13.81 6.33 -7.33
N ALA A 170 -13.80 5.43 -6.36
CA ALA A 170 -15.01 4.75 -5.94
C ALA A 170 -16.02 5.74 -5.37
N LEU A 171 -15.52 6.67 -4.56
CA LEU A 171 -16.37 7.69 -3.95
C LEU A 171 -17.15 8.43 -5.04
N LEU A 172 -16.48 8.75 -6.14
CA LEU A 172 -17.16 9.46 -7.22
C LEU A 172 -18.11 8.54 -7.98
N ASN A 173 -17.68 7.31 -8.28
CA ASN A 173 -18.54 6.39 -9.00
C ASN A 173 -19.84 6.14 -8.24
N ILE A 174 -19.74 5.89 -6.94
CA ILE A 174 -20.94 5.65 -6.15
C ILE A 174 -21.87 6.86 -6.20
N ALA A 175 -21.27 8.04 -6.33
CA ALA A 175 -22.04 9.29 -6.40
C ALA A 175 -22.83 9.35 -7.72
N LYS A 176 -22.21 9.01 -8.84
CA LYS A 176 -22.91 9.04 -10.10
C LYS A 176 -24.00 7.96 -10.12
N ASP A 177 -23.69 6.80 -9.55
CA ASP A 177 -24.64 5.68 -9.49
C ASP A 177 -25.78 5.98 -8.52
N ASN A 178 -25.67 7.09 -7.78
CA ASN A 178 -26.70 7.49 -6.84
C ASN A 178 -27.47 8.65 -7.43
N GLY A 179 -27.17 8.98 -8.68
CA GLY A 179 -27.85 10.09 -9.34
C GLY A 179 -27.22 11.43 -9.02
N LEU A 180 -26.49 11.51 -7.91
CA LEU A 180 -25.83 12.76 -7.50
C LEU A 180 -24.90 13.31 -8.56
N THR A 181 -24.91 14.63 -8.70
CA THR A 181 -24.07 15.29 -9.68
C THR A 181 -23.39 16.50 -9.05
N ILE A 182 -22.13 16.34 -8.68
CA ILE A 182 -21.36 17.42 -8.06
C ILE A 182 -20.01 17.60 -8.72
N ASN A 183 -19.19 18.47 -8.15
CA ASN A 183 -17.87 18.74 -8.70
C ASN A 183 -16.86 17.88 -7.95
N ARG A 184 -15.76 17.54 -8.61
CA ARG A 184 -14.72 16.73 -8.00
C ARG A 184 -14.14 17.51 -6.82
N PRO A 185 -14.33 17.00 -5.59
CA PRO A 185 -13.83 17.66 -4.38
C PRO A 185 -12.34 17.90 -4.39
N LYS A 186 -11.90 18.95 -3.68
CA LYS A 186 -10.48 19.28 -3.63
C LYS A 186 -9.84 18.95 -2.30
N ASN A 187 -10.14 19.75 -1.28
CA ASN A 187 -9.57 19.53 0.02
C ASN A 187 -10.07 18.24 0.66
N ALA A 188 -9.43 17.84 1.75
CA ALA A 188 -9.79 16.62 2.47
C ALA A 188 -11.22 16.70 3.02
N ALA A 189 -11.57 17.85 3.59
CA ALA A 189 -12.90 18.06 4.15
C ALA A 189 -14.01 17.71 3.16
N GLU A 190 -13.85 18.13 1.90
CA GLU A 190 -14.83 17.84 0.87
C GLU A 190 -14.90 16.35 0.58
N TRP A 191 -13.76 15.68 0.60
CA TRP A 191 -13.73 14.24 0.35
C TRP A 191 -14.41 13.52 1.50
N ALA A 192 -14.12 13.97 2.71
CA ALA A 192 -14.71 13.38 3.91
C ALA A 192 -16.22 13.58 3.84
N ASN A 193 -16.63 14.80 3.47
CA ASN A 193 -18.05 15.15 3.38
C ASN A 193 -18.79 14.27 2.38
N LEU A 194 -18.15 14.01 1.23
CA LEU A 194 -18.74 13.16 0.21
C LEU A 194 -18.88 11.74 0.75
N ALA A 195 -17.91 11.31 1.55
CA ALA A 195 -17.98 9.96 2.12
C ALA A 195 -19.16 9.84 3.06
N MSE A 196 -19.35 10.86 3.90
CA MSE A 196 -20.45 10.84 4.85
C MSE A 196 -21.80 10.97 4.17
O MSE A 196 -22.74 10.23 4.49
CB MSE A 196 -20.28 11.97 5.85
CG MSE A 196 -21.41 12.06 6.85
SE MSE A 196 -21.42 13.77 7.74
CE MSE A 196 -22.46 14.72 6.41
N THR A 197 -21.91 11.89 3.22
CA THR A 197 -23.17 12.08 2.51
C THR A 197 -23.57 10.81 1.76
N LEU A 198 -22.60 9.96 1.46
CA LEU A 198 -22.88 8.69 0.77
C LEU A 198 -23.16 7.52 1.72
N GLY A 199 -23.06 7.75 3.03
CA GLY A 199 -23.35 6.69 3.98
C GLY A 199 -22.28 5.64 4.23
N ILE A 200 -21.05 5.96 3.83
CA ILE A 200 -19.94 5.06 4.01
C ILE A 200 -19.65 4.90 5.49
N LYS A 201 -19.82 3.68 5.98
CA LYS A 201 -19.59 3.39 7.39
C LYS A 201 -18.24 2.71 7.60
N VAL A 202 -17.77 2.00 6.58
CA VAL A 202 -16.51 1.30 6.68
C VAL A 202 -15.86 1.06 5.31
N ILE A 203 -14.55 1.26 5.26
CA ILE A 203 -13.76 1.07 4.05
C ILE A 203 -12.69 0.00 4.30
N HIS A 204 -12.63 -1.00 3.44
CA HIS A 204 -11.62 -2.05 3.57
C HIS A 204 -10.67 -2.00 2.38
N VAL A 205 -9.43 -2.38 2.62
CA VAL A 205 -8.45 -2.51 1.56
C VAL A 205 -8.54 -4.01 1.47
N ALA A 206 -9.32 -4.49 0.49
CA ALA A 206 -9.54 -5.91 0.31
C ALA A 206 -8.70 -6.45 -0.84
N GLU A 207 -7.78 -7.34 -0.51
CA GLU A 207 -6.89 -7.93 -1.50
C GLU A 207 -6.87 -9.44 -1.34
N GLN A 208 -6.77 -10.13 -2.46
CA GLN A 208 -6.73 -11.56 -2.45
C GLN A 208 -5.76 -12.06 -3.50
N ASP A 209 -4.62 -12.58 -3.04
CA ASP A 209 -3.56 -13.09 -3.90
C ASP A 209 -3.81 -14.58 -4.13
N SER A 210 -4.04 -14.95 -5.39
CA SER A 210 -4.29 -16.34 -5.75
C SER A 210 -3.15 -16.93 -6.59
N GLN A 211 -1.99 -16.26 -6.60
CA GLN A 211 -0.88 -16.79 -7.38
C GLN A 211 -0.36 -18.10 -6.79
N VAL A 212 -0.40 -19.17 -7.58
CA VAL A 212 0.09 -20.48 -7.15
C VAL A 212 1.42 -20.74 -7.80
N THR A 213 2.15 -21.74 -7.32
CA THR A 213 3.49 -22.00 -7.84
C THR A 213 3.91 -23.44 -8.03
N TYR A 214 5.08 -23.61 -8.64
CA TYR A 214 5.68 -24.91 -8.87
C TYR A 214 7.20 -24.73 -8.94
N PRO A 215 7.96 -25.56 -8.20
CA PRO A 215 7.51 -26.65 -7.32
C PRO A 215 6.81 -26.12 -6.06
N PRO A 216 6.17 -27.00 -5.29
CA PRO A 216 5.45 -26.62 -4.06
C PRO A 216 6.35 -25.96 -3.03
N LYS A 217 5.76 -25.53 -1.91
CA LYS A 217 6.53 -24.91 -0.86
C LYS A 217 7.32 -25.96 -0.10
N SER A 218 8.44 -25.56 0.47
CA SER A 218 9.25 -26.47 1.27
C SER A 218 9.23 -26.03 2.72
N PRO A 219 9.39 -26.97 3.65
CA PRO A 219 9.40 -26.62 5.07
C PRO A 219 10.59 -25.72 5.37
N GLY A 220 10.44 -24.87 6.37
CA GLY A 220 11.54 -23.99 6.78
C GLY A 220 11.76 -22.73 5.98
N GLU A 221 10.74 -22.28 5.25
CA GLU A 221 10.93 -21.07 4.47
C GLU A 221 9.64 -20.29 4.39
N PHE A 222 9.76 -18.96 4.37
CA PHE A 222 8.60 -18.11 4.25
C PHE A 222 8.54 -17.68 2.78
N VAL A 223 7.48 -18.12 2.09
CA VAL A 223 7.31 -17.81 0.67
C VAL A 223 6.20 -16.78 0.45
N ASN A 224 6.48 -15.78 -0.38
CA ASN A 224 5.51 -14.73 -0.63
C ASN A 224 5.73 -14.08 -1.98
N THR A 225 4.68 -13.47 -2.52
CA THR A 225 4.77 -12.82 -3.80
C THR A 225 5.54 -11.52 -3.69
N TRP A 226 5.80 -11.09 -2.46
CA TRP A 226 6.58 -9.89 -2.20
C TRP A 226 7.46 -10.15 -0.99
N SER A 227 8.10 -9.12 -0.46
CA SER A 227 8.99 -9.29 0.68
C SER A 227 8.42 -10.13 1.83
N ALA A 228 9.08 -11.25 2.10
CA ALA A 228 8.64 -12.11 3.19
C ALA A 228 8.77 -11.36 4.53
N ASN A 229 9.87 -10.65 4.72
CA ASN A 229 10.04 -9.90 5.98
C ASN A 229 9.00 -8.80 6.15
N GLY A 230 8.59 -8.15 5.06
CA GLY A 230 7.58 -7.13 5.18
C GLY A 230 6.30 -7.73 5.74
N LEU A 231 5.86 -8.84 5.16
CA LEU A 231 4.64 -9.49 5.63
C LEU A 231 4.76 -9.98 7.07
N ILE A 232 5.88 -10.61 7.39
CA ILE A 232 6.14 -11.11 8.73
C ILE A 232 6.06 -9.99 9.77
N LEU A 233 6.82 -8.92 9.54
CA LEU A 233 6.84 -7.78 10.44
C LEU A 233 5.43 -7.22 10.66
N GLU A 234 4.69 -6.99 9.58
CA GLU A 234 3.34 -6.48 9.68
C GLU A 234 2.44 -7.42 10.50
N GLY A 235 2.55 -8.72 10.24
CA GLY A 235 1.75 -9.68 10.96
C GLY A 235 2.12 -9.81 12.43
N LEU A 236 3.33 -9.40 12.78
CA LEU A 236 3.78 -9.49 14.16
C LEU A 236 3.22 -8.36 15.03
N GLN A 237 3.00 -7.19 14.42
CA GLN A 237 2.49 -6.04 15.16
C GLN A 237 1.01 -6.18 15.50
N PRO A 238 0.57 -5.47 16.54
CA PRO A 238 -0.85 -5.54 16.95
C PRO A 238 -1.81 -4.92 15.93
N ALA A 239 -2.99 -5.53 15.79
CA ALA A 239 -4.01 -5.05 14.86
C ALA A 239 -4.29 -3.55 15.03
N GLU A 240 -4.20 -2.81 13.92
CA GLU A 240 -4.44 -1.36 13.90
C GLU A 240 -5.72 -1.06 13.11
N ILE A 241 -6.63 -0.29 13.72
CA ILE A 241 -7.91 0.00 13.09
C ILE A 241 -8.41 1.45 13.23
N GLY A 242 -8.87 2.02 12.12
CA GLY A 242 -9.43 3.37 12.17
C GLY A 242 -10.83 3.21 12.71
N TRP A 243 -11.11 3.76 13.89
CA TRP A 243 -12.42 3.62 14.48
C TRP A 243 -13.48 4.54 13.90
N GLY A 244 -14.49 3.94 13.27
CA GLY A 244 -15.56 4.73 12.67
C GLY A 244 -16.58 5.19 13.70
N THR A 245 -17.19 6.35 13.46
CA THR A 245 -18.19 6.89 14.37
C THR A 245 -19.48 6.06 14.47
N HIS A 246 -19.70 5.15 13.52
CA HIS A 246 -20.91 4.34 13.56
C HIS A 246 -20.76 3.16 14.51
N GLU A 247 -19.52 2.70 14.73
CA GLU A 247 -19.25 1.56 15.60
C GLU A 247 -19.96 1.68 16.92
N ALA A 248 -20.72 0.65 17.26
CA ALA A 248 -21.50 0.64 18.49
C ALA A 248 -21.02 -0.43 19.47
N HIS A 249 -19.93 -1.12 19.13
CA HIS A 249 -19.39 -2.19 19.97
C HIS A 249 -17.90 -1.96 20.25
N TRP A 250 -17.44 -2.32 21.43
CA TRP A 250 -16.02 -2.12 21.75
C TRP A 250 -15.34 -3.47 21.95
N PRO A 251 -14.37 -3.81 21.07
CA PRO A 251 -13.66 -5.10 21.17
C PRO A 251 -13.11 -5.35 22.58
N HIS A 252 -13.30 -6.56 23.09
CA HIS A 252 -12.83 -6.90 24.43
C HIS A 252 -11.33 -6.69 24.61
N ASP A 253 -10.55 -7.01 23.57
CA ASP A 253 -9.10 -6.88 23.61
C ASP A 253 -8.57 -5.63 22.91
N ALA A 254 -9.37 -4.58 22.92
CA ALA A 254 -9.00 -3.32 22.28
C ALA A 254 -8.51 -2.27 23.27
N TYR A 255 -7.75 -1.32 22.75
CA TYR A 255 -7.21 -0.22 23.54
C TYR A 255 -6.77 0.93 22.63
N SER A 256 -6.72 2.13 23.19
CA SER A 256 -6.33 3.32 22.46
C SER A 256 -5.16 4.00 23.13
N HIS A 257 -4.48 4.87 22.38
CA HIS A 257 -3.35 5.62 22.90
C HIS A 257 -3.77 7.06 23.18
N SER A 258 -3.80 7.44 24.46
CA SER A 258 -4.17 8.78 24.87
C SER A 258 -3.43 9.88 24.09
N ASN A 259 -2.14 9.65 23.82
CA ASN A 259 -1.34 10.61 23.08
C ASN A 259 -1.14 10.20 21.62
N GLY A 260 -1.30 8.93 21.34
CA GLY A 260 -1.13 8.45 19.98
C GLY A 260 -2.23 8.99 19.08
N PRO A 261 -2.46 8.38 17.91
CA PRO A 261 -3.51 8.82 16.97
C PRO A 261 -4.90 8.65 17.58
N GLN A 262 -5.67 9.74 17.58
CA GLN A 262 -7.02 9.74 18.16
C GLN A 262 -8.02 8.84 17.42
N CYS A 263 -7.82 8.70 16.12
CA CYS A 263 -8.69 7.89 15.26
C CYS A 263 -8.43 6.39 15.32
N ALA A 264 -7.24 5.99 15.76
CA ALA A 264 -6.88 4.58 15.80
C ALA A 264 -7.18 3.81 17.07
N ILE A 265 -7.46 2.53 16.88
CA ILE A 265 -7.75 1.63 17.96
C ILE A 265 -6.84 0.43 17.72
N TYR A 266 -6.42 -0.23 18.79
CA TYR A 266 -5.54 -1.38 18.62
C TYR A 266 -6.12 -2.59 19.30
N LEU A 267 -5.59 -3.74 18.93
CA LEU A 267 -6.04 -5.02 19.49
C LEU A 267 -4.79 -5.69 20.06
N SER A 268 -4.96 -6.41 21.17
CA SER A 268 -3.83 -7.11 21.79
C SER A 268 -3.18 -8.09 20.82
N ARG A 269 -3.96 -9.07 20.37
CA ARG A 269 -3.48 -10.09 19.44
C ARG A 269 -2.75 -9.52 18.23
N PRO A 270 -1.76 -10.26 17.68
CA PRO A 270 -1.00 -9.82 16.50
C PRO A 270 -1.94 -9.74 15.31
N SER A 271 -1.68 -8.82 14.39
CA SER A 271 -2.55 -8.66 13.24
C SER A 271 -2.77 -9.96 12.46
N ALA A 272 -1.72 -10.77 12.36
CA ALA A 272 -1.81 -12.05 11.66
C ALA A 272 -2.68 -13.05 12.44
N GLY A 273 -3.10 -12.66 13.64
CA GLY A 273 -3.94 -13.52 14.46
C GLY A 273 -5.37 -13.04 14.53
N VAL A 274 -5.71 -12.06 13.71
CA VAL A 274 -7.05 -11.49 13.65
C VAL A 274 -7.60 -11.63 12.22
N MSE A 275 -8.79 -12.21 12.09
CA MSE A 275 -9.41 -12.38 10.78
C MSE A 275 -10.62 -11.46 10.67
O MSE A 275 -11.33 -11.20 11.66
CB MSE A 275 -9.87 -13.83 10.60
CG MSE A 275 -8.80 -14.89 10.81
SE MSE A 275 -7.29 -14.71 9.62
CE MSE A 275 -8.14 -15.24 7.96
N VAL A 276 -10.87 -10.94 9.48
CA VAL A 276 -12.01 -10.07 9.26
C VAL A 276 -12.72 -10.54 7.99
N ARG A 277 -14.04 -10.38 7.98
CA ARG A 277 -14.89 -10.77 6.86
C ARG A 277 -14.94 -9.64 5.83
N SER A 278 -14.48 -9.91 4.61
CA SER A 278 -14.50 -8.90 3.57
C SER A 278 -14.99 -9.50 2.25
N TRP A 279 -14.82 -8.76 1.15
CA TRP A 279 -15.30 -9.24 -0.13
C TRP A 279 -14.43 -8.83 -1.31
N THR A 280 -14.35 -9.71 -2.30
CA THR A 280 -13.56 -9.48 -3.50
C THR A 280 -14.43 -9.94 -4.68
N PRO A 281 -14.37 -9.24 -5.83
CA PRO A 281 -15.19 -9.63 -6.98
C PRO A 281 -14.95 -11.03 -7.57
N THR A 282 -13.71 -11.39 -7.85
CA THR A 282 -13.41 -12.70 -8.41
C THR A 282 -13.84 -13.89 -7.56
N LEU A 283 -13.42 -13.94 -6.30
CA LEU A 283 -13.83 -15.05 -5.43
C LEU A 283 -15.02 -14.75 -4.52
N GLY A 284 -15.17 -13.49 -4.10
CA GLY A 284 -16.29 -13.12 -3.25
C GLY A 284 -15.93 -13.07 -1.78
N ALA A 285 -16.93 -13.32 -0.93
CA ALA A 285 -16.76 -13.32 0.52
C ALA A 285 -15.57 -14.16 0.94
N PHE A 286 -14.77 -13.67 1.88
CA PHE A 286 -13.62 -14.42 2.34
C PHE A 286 -13.18 -13.92 3.71
N HIS A 287 -12.22 -14.61 4.31
CA HIS A 287 -11.69 -14.18 5.60
C HIS A 287 -10.25 -13.74 5.43
N GLY A 288 -10.00 -12.44 5.50
CA GLY A 288 -8.63 -11.96 5.35
C GLY A 288 -7.97 -11.66 6.68
N PHE A 289 -6.64 -11.58 6.68
CA PHE A 289 -5.89 -11.25 7.88
C PHE A 289 -5.98 -9.73 8.05
N LEU A 290 -6.19 -9.28 9.27
CA LEU A 290 -6.27 -7.85 9.54
C LEU A 290 -4.87 -7.27 9.75
N ILE A 291 -4.03 -7.51 8.74
CA ILE A 291 -2.64 -7.03 8.72
C ILE A 291 -2.62 -5.52 8.83
N THR A 292 -1.77 -5.00 9.70
CA THR A 292 -1.65 -3.57 9.90
C THR A 292 -0.99 -2.83 8.74
N HIS A 293 -1.17 -1.52 8.66
CA HIS A 293 -0.52 -0.71 7.63
C HIS A 293 -0.37 0.77 7.99
N ALA A 294 0.35 1.51 7.15
CA ALA A 294 0.59 2.92 7.40
C ALA A 294 -0.59 3.82 7.02
N GLU A 295 -1.04 3.67 5.77
CA GLU A 295 -2.13 4.48 5.24
C GLU A 295 -3.49 4.26 5.93
N THR A 296 -3.49 3.69 7.12
CA THR A 296 -4.74 3.47 7.83
C THR A 296 -5.12 4.76 8.56
N ILE A 297 -4.16 5.32 9.30
CA ILE A 297 -4.40 6.55 10.03
C ILE A 297 -4.55 7.75 9.11
N SER A 298 -3.71 7.80 8.09
CA SER A 298 -3.74 8.90 7.13
C SER A 298 -5.07 8.93 6.37
N LEU A 299 -5.57 7.77 5.97
CA LEU A 299 -6.83 7.73 5.23
C LEU A 299 -8.00 8.08 6.14
N THR A 300 -8.01 7.51 7.33
CA THR A 300 -9.09 7.77 8.29
C THR A 300 -9.25 9.26 8.54
N ASN A 301 -8.16 9.94 8.90
CA ASN A 301 -8.19 11.37 9.16
C ASN A 301 -8.61 12.11 7.88
N PHE A 302 -8.12 11.64 6.74
CA PHE A 302 -8.45 12.26 5.46
C PHE A 302 -9.96 12.23 5.20
N LEU A 303 -10.65 11.26 5.80
CA LEU A 303 -12.10 11.16 5.62
C LEU A 303 -12.85 11.47 6.90
N THR A 304 -12.20 12.23 7.77
CA THR A 304 -12.80 12.63 9.04
C THR A 304 -13.50 13.98 8.86
N LEU A 305 -14.53 14.21 9.67
CA LEU A 305 -15.28 15.46 9.60
C LEU A 305 -15.60 15.94 11.02
N LYS A 306 -15.59 17.25 11.20
CA LYS A 306 -15.89 17.86 12.49
C LYS A 306 -16.12 19.35 12.36
N ASN A 307 -16.82 19.93 13.33
CA ASN A 307 -17.12 21.36 13.33
C ASN A 307 -15.94 22.19 13.85
N GLY A 308 -15.03 21.54 14.58
CA GLY A 308 -13.89 22.24 15.10
C GLY A 308 -13.03 21.37 15.97
N SER A 309 -13.60 20.89 17.06
CA SER A 309 -12.90 20.02 18.00
C SER A 309 -13.80 18.86 18.38
N GLU A 310 -14.91 18.75 17.66
CA GLU A 310 -15.87 17.68 17.89
C GLU A 310 -16.10 16.89 16.61
N LEU A 311 -15.64 15.64 16.58
CA LEU A 311 -15.80 14.83 15.37
C LEU A 311 -17.26 14.55 15.14
N LEU A 312 -17.66 14.64 13.87
CA LEU A 312 -19.04 14.38 13.47
C LEU A 312 -19.09 13.06 12.72
N TYR A 313 -18.16 12.88 11.79
CA TYR A 313 -18.09 11.67 10.97
C TYR A 313 -16.70 11.11 10.74
N ARG A 314 -16.64 9.78 10.62
CA ARG A 314 -15.41 9.08 10.39
C ARG A 314 -15.71 7.62 10.18
N PRO A 315 -15.27 7.06 9.05
CA PRO A 315 -15.52 5.64 8.75
C PRO A 315 -14.46 4.76 9.39
N THR A 316 -14.76 3.48 9.51
CA THR A 316 -13.79 2.54 10.06
C THR A 316 -12.93 2.14 8.87
N VAL A 317 -11.61 2.08 9.08
CA VAL A 317 -10.68 1.74 8.01
C VAL A 317 -9.60 0.77 8.50
N HIS A 318 -9.45 -0.32 7.76
CA HIS A 318 -8.45 -1.32 8.07
C HIS A 318 -8.24 -2.23 6.86
N TYR A 319 -7.21 -3.07 6.95
CA TYR A 319 -6.82 -3.99 5.89
C TYR A 319 -7.43 -5.40 6.09
N ALA A 320 -7.87 -6.01 5.00
CA ALA A 320 -8.45 -7.37 5.00
C ALA A 320 -7.65 -8.11 3.92
N TYR A 321 -6.50 -8.65 4.33
CA TYR A 321 -5.58 -9.32 3.41
C TYR A 321 -5.62 -10.84 3.40
N ASN A 322 -5.52 -11.39 2.20
CA ASN A 322 -5.49 -12.83 2.02
C ASN A 322 -4.37 -13.03 1.02
N PRO A 323 -3.17 -13.39 1.51
CA PRO A 323 -1.98 -13.62 0.69
C PRO A 323 -2.08 -14.86 -0.19
N CYS A 324 -1.05 -15.10 -0.99
CA CYS A 324 -1.03 -16.25 -1.87
C CYS A 324 -0.98 -17.51 -1.01
N PRO A 325 -1.62 -18.60 -1.44
CA PRO A 325 -1.60 -19.84 -0.65
C PRO A 325 -0.26 -20.20 0.00
N ASP A 326 0.85 -19.90 -0.68
CA ASP A 326 2.17 -20.19 -0.13
C ASP A 326 2.44 -19.32 1.09
N ALA A 327 1.99 -18.06 1.04
CA ALA A 327 2.19 -17.16 2.17
C ALA A 327 1.23 -17.57 3.30
N ARG A 328 0.16 -18.27 2.95
CA ARG A 328 -0.80 -18.72 3.96
C ARG A 328 -0.15 -19.85 4.73
N LEU A 329 0.47 -20.76 3.99
CA LEU A 329 1.17 -21.88 4.60
C LEU A 329 2.33 -21.31 5.42
N SER A 330 2.96 -20.25 4.91
CA SER A 330 4.08 -19.64 5.61
C SER A 330 3.68 -19.07 6.96
N ILE A 331 2.62 -18.28 6.98
CA ILE A 331 2.13 -17.70 8.22
C ILE A 331 1.76 -18.84 9.19
N PHE A 332 1.09 -19.87 8.67
CA PHE A 332 0.70 -21.01 9.49
C PHE A 332 1.94 -21.61 10.17
N GLU A 333 3.01 -21.80 9.39
CA GLU A 333 4.27 -22.36 9.89
C GLU A 333 4.95 -21.39 10.88
N LEU A 334 4.77 -20.09 10.65
CA LEU A 334 5.34 -19.02 11.50
C LEU A 334 4.77 -19.16 12.91
N LYS A 335 3.44 -19.20 12.99
CA LYS A 335 2.75 -19.34 14.27
C LYS A 335 3.15 -20.68 14.89
N SER A 336 3.23 -21.70 14.04
CA SER A 336 3.61 -23.04 14.46
C SER A 336 4.99 -23.02 15.11
N ASN A 337 5.85 -22.11 14.66
CA ASN A 337 7.19 -21.97 15.21
C ASN A 337 7.21 -20.93 16.31
N GLU A 338 6.08 -20.77 17.01
CA GLU A 338 5.99 -19.81 18.10
C GLU A 338 6.42 -18.38 17.69
N TRP A 339 5.98 -17.93 16.51
CA TRP A 339 6.30 -16.59 16.00
C TRP A 339 7.77 -16.39 15.61
N LYS A 340 8.53 -17.48 15.62
CA LYS A 340 9.94 -17.46 15.25
C LYS A 340 9.97 -17.55 13.73
N PRO A 341 10.41 -16.49 13.05
CA PRO A 341 10.47 -16.52 11.59
C PRO A 341 11.40 -17.60 11.05
N GLN A 342 10.98 -18.22 9.94
CA GLN A 342 11.74 -19.27 9.29
C GLN A 342 13.16 -18.76 9.00
N ASN A 343 14.14 -19.66 9.03
CA ASN A 343 15.51 -19.25 8.76
C ASN A 343 15.74 -18.95 7.28
N LYS A 344 14.74 -19.20 6.45
CA LYS A 344 14.87 -18.96 5.02
C LYS A 344 13.68 -18.21 4.42
N ASN A 345 13.95 -17.30 3.50
CA ASN A 345 12.90 -16.53 2.84
C ASN A 345 13.01 -16.73 1.32
N ARG A 346 11.88 -16.68 0.63
CA ARG A 346 11.91 -16.85 -0.81
C ARG A 346 10.83 -16.01 -1.47
N LEU A 347 11.19 -15.37 -2.58
CA LEU A 347 10.24 -14.54 -3.33
C LEU A 347 9.82 -15.32 -4.56
N ILE A 348 8.54 -15.64 -4.66
CA ILE A 348 8.10 -16.37 -5.83
C ILE A 348 7.80 -15.44 -6.98
N LEU A 349 8.49 -15.70 -8.09
CA LEU A 349 8.38 -14.91 -9.30
C LEU A 349 8.20 -15.85 -10.49
N ASN A 350 9.28 -16.48 -10.94
CA ASN A 350 9.21 -17.39 -12.06
C ASN A 350 8.50 -18.69 -11.72
N GLU A 351 8.56 -19.12 -10.47
CA GLU A 351 7.90 -20.37 -10.12
C GLU A 351 6.38 -20.32 -10.12
N ILE A 352 5.78 -19.14 -10.12
CA ILE A 352 4.33 -19.12 -10.13
C ILE A 352 3.83 -19.46 -11.53
N ILE A 353 2.85 -20.36 -11.61
CA ILE A 353 2.34 -20.81 -12.89
C ILE A 353 0.94 -20.31 -13.23
N ASP A 354 0.17 -19.88 -12.24
CA ASP A 354 -1.19 -19.42 -12.50
C ASP A 354 -1.63 -18.49 -11.38
N GLY A 355 -2.79 -17.87 -11.57
CA GLY A 355 -3.31 -16.98 -10.53
C GLY A 355 -3.27 -15.49 -10.80
N CYS A 356 -3.80 -14.72 -9.86
CA CYS A 356 -3.83 -13.28 -10.03
C CYS A 356 -3.88 -12.58 -8.67
N ASP A 357 -3.72 -11.27 -8.70
CA ASP A 357 -3.73 -10.49 -7.48
C ASP A 357 -4.85 -9.46 -7.57
N GLU A 358 -5.86 -9.60 -6.70
CA GLU A 358 -6.97 -8.65 -6.69
C GLU A 358 -6.81 -7.65 -5.59
N LEU A 359 -6.24 -6.50 -5.92
CA LEU A 359 -6.04 -5.44 -4.95
C LEU A 359 -7.08 -4.36 -5.17
N GLY A 360 -7.75 -3.94 -4.10
CA GLY A 360 -8.76 -2.90 -4.24
C GLY A 360 -9.33 -2.45 -2.91
N VAL A 361 -10.31 -1.57 -2.97
CA VAL A 361 -10.95 -1.04 -1.78
C VAL A 361 -12.45 -1.30 -1.76
N LEU A 362 -12.94 -1.69 -0.59
CA LEU A 362 -14.35 -1.99 -0.44
C LEU A 362 -15.01 -0.90 0.39
N LEU A 363 -15.99 -0.23 -0.18
CA LEU A 363 -16.71 0.81 0.56
C LEU A 363 -18.09 0.26 0.91
N MSE A 364 -18.40 0.24 2.21
CA MSE A 364 -19.69 -0.28 2.69
C MSE A 364 -20.53 0.80 3.39
O MSE A 364 -19.99 1.70 4.04
CB MSE A 364 -19.45 -1.44 3.66
CG MSE A 364 -18.68 -2.61 3.07
SE MSE A 364 -17.59 -3.55 4.40
CE MSE A 364 -15.94 -2.55 4.14
N GLY A 365 -21.86 0.70 3.27
CA GLY A 365 -22.75 1.65 3.90
C GLY A 365 -23.80 2.26 2.97
N ASN A 366 -23.41 2.51 1.73
CA ASN A 366 -24.32 3.12 0.76
C ASN A 366 -25.46 2.19 0.37
N GLN A 367 -26.64 2.77 0.15
CA GLN A 367 -27.84 2.03 -0.20
C GLN A 367 -27.70 1.17 -1.45
N ARG A 368 -26.85 1.58 -2.39
CA ARG A 368 -26.64 0.82 -3.63
C ARG A 368 -26.06 -0.55 -3.33
N GLY A 369 -25.43 -0.69 -2.16
CA GLY A 369 -24.82 -1.95 -1.77
C GLY A 369 -23.32 -1.80 -1.62
N ALA A 370 -22.65 -2.83 -1.12
CA ALA A 370 -21.20 -2.74 -0.97
C ALA A 370 -20.59 -2.56 -2.35
N TYR A 371 -19.55 -1.73 -2.41
CA TYR A 371 -18.87 -1.43 -3.68
C TYR A 371 -17.37 -1.71 -3.56
N TRP A 372 -16.83 -2.41 -4.56
CA TRP A 372 -15.41 -2.73 -4.59
C TRP A 372 -14.81 -2.22 -5.89
N TYR A 373 -13.80 -1.38 -5.76
CA TYR A 373 -13.13 -0.82 -6.92
C TYR A 373 -11.65 -1.13 -6.77
N GLY A 374 -11.05 -1.70 -7.82
CA GLY A 374 -9.64 -2.04 -7.76
C GLY A 374 -9.06 -2.70 -8.99
N SER A 375 -7.91 -3.33 -8.82
CA SER A 375 -7.20 -4.00 -9.90
C SER A 375 -7.14 -5.51 -9.76
N THR A 376 -7.48 -6.21 -10.84
CA THR A 376 -7.43 -7.65 -10.86
C THR A 376 -6.44 -7.96 -11.96
N LEU A 377 -5.20 -8.23 -11.58
CA LEU A 377 -4.14 -8.53 -12.53
C LEU A 377 -3.68 -9.97 -12.38
N SER A 378 -3.64 -10.71 -13.49
CA SER A 378 -3.21 -12.09 -13.46
C SER A 378 -1.73 -12.11 -13.79
N ILE A 379 -1.08 -13.22 -13.45
CA ILE A 379 0.34 -13.38 -13.71
C ILE A 379 0.61 -13.40 -15.21
N GLN A 380 -0.32 -13.95 -15.98
CA GLN A 380 -0.16 -14.03 -17.44
C GLN A 380 -0.11 -12.64 -18.07
N GLU A 381 -1.06 -11.78 -17.73
CA GLU A 381 -1.05 -10.45 -18.29
C GLU A 381 0.18 -9.66 -17.82
N ALA A 382 0.56 -9.86 -16.56
CA ALA A 382 1.71 -9.17 -15.98
C ALA A 382 3.00 -9.54 -16.70
N ARG A 383 3.09 -10.78 -17.18
CA ARG A 383 4.30 -11.22 -17.85
C ARG A 383 4.38 -10.71 -19.28
N GLN A 384 3.25 -10.47 -19.92
CA GLN A 384 3.31 -9.97 -21.28
C GLN A 384 3.54 -8.46 -21.23
N ILE A 385 3.22 -7.86 -20.10
CA ILE A 385 3.37 -6.41 -19.89
C ILE A 385 4.78 -6.00 -19.46
N ALA A 386 5.42 -6.82 -18.65
CA ALA A 386 6.77 -6.50 -18.18
C ALA A 386 7.49 -7.67 -17.53
N PRO A 387 8.81 -7.77 -17.75
CA PRO A 387 9.61 -8.85 -17.17
C PRO A 387 9.93 -8.53 -15.71
N TYR A 388 10.58 -9.48 -15.04
CA TYR A 388 10.96 -9.31 -13.63
C TYR A 388 9.78 -8.81 -12.81
N ASN A 389 8.60 -9.33 -13.11
CA ASN A 389 7.39 -8.91 -12.44
C ASN A 389 6.34 -10.01 -12.31
N ASN A 390 5.64 -9.99 -11.18
CA ASN A 390 4.55 -10.91 -10.97
C ASN A 390 3.36 -9.98 -10.79
N ALA A 391 2.17 -10.55 -10.62
CA ALA A 391 0.97 -9.74 -10.45
C ALA A 391 1.14 -8.70 -9.35
N THR A 392 1.64 -9.13 -8.20
CA THR A 392 1.84 -8.27 -7.04
C THR A 392 2.84 -7.14 -7.28
N SER A 393 4.06 -7.50 -7.68
CA SER A 393 5.07 -6.47 -7.90
C SER A 393 4.64 -5.44 -8.93
N LEU A 394 4.06 -5.92 -10.05
CA LEU A 394 3.62 -5.02 -11.11
C LEU A 394 2.63 -3.95 -10.66
N GLN A 395 1.77 -4.30 -9.70
CA GLN A 395 0.80 -3.33 -9.24
C GLN A 395 1.49 -2.26 -8.40
N VAL A 396 2.60 -2.65 -7.76
CA VAL A 396 3.33 -1.72 -6.92
C VAL A 396 4.17 -0.74 -7.73
N VAL A 397 4.87 -1.25 -8.73
CA VAL A 397 5.72 -0.39 -9.55
C VAL A 397 4.90 0.45 -10.53
N ALA A 398 3.71 -0.03 -10.88
CA ALA A 398 2.85 0.73 -11.78
C ALA A 398 2.53 2.05 -11.08
N SER A 399 2.20 1.96 -9.78
CA SER A 399 1.89 3.13 -8.96
C SER A 399 3.09 4.06 -8.82
N MSE A 400 4.25 3.48 -8.58
CA MSE A 400 5.46 4.26 -8.42
C MSE A 400 5.87 5.02 -9.68
O MSE A 400 6.15 6.21 -9.61
CB MSE A 400 6.61 3.37 -7.98
CG MSE A 400 6.35 2.70 -6.67
SE MSE A 400 7.97 2.50 -5.68
CE MSE A 400 7.99 4.26 -4.84
N ILE A 401 5.90 4.33 -10.81
CA ILE A 401 6.28 4.97 -12.06
C ILE A 401 5.28 6.10 -12.32
N SER A 402 4.03 5.95 -11.89
CA SER A 402 3.04 7.00 -12.10
C SER A 402 3.39 8.17 -11.18
N GLY A 403 3.66 7.84 -9.92
CA GLY A 403 4.02 8.86 -8.94
C GLY A 403 5.28 9.59 -9.36
N ILE A 404 6.24 8.86 -9.93
CA ILE A 404 7.49 9.45 -10.37
C ILE A 404 7.21 10.46 -11.48
N ILE A 405 6.34 10.10 -12.43
CA ILE A 405 6.01 11.01 -13.51
C ILE A 405 5.30 12.25 -12.97
N TRP A 406 4.49 12.06 -11.94
CA TRP A 406 3.74 13.16 -11.34
C TRP A 406 4.69 14.17 -10.72
N ALA A 407 5.65 13.68 -9.96
CA ALA A 407 6.62 14.54 -9.29
C ALA A 407 7.46 15.35 -10.27
N ILE A 408 7.83 14.74 -11.39
CA ILE A 408 8.64 15.45 -12.38
C ILE A 408 7.95 16.72 -12.89
N GLU A 409 6.65 16.66 -13.15
CA GLU A 409 5.98 17.85 -13.64
C GLU A 409 5.41 18.71 -12.50
N HIS A 410 5.75 18.34 -11.27
CA HIS A 410 5.35 19.05 -10.06
C HIS A 410 6.52 18.89 -9.10
N PRO A 411 7.73 19.34 -9.50
CA PRO A 411 8.94 19.24 -8.70
C PRO A 411 9.05 20.10 -7.45
N ASP A 412 8.15 21.06 -7.29
CA ASP A 412 8.23 21.93 -6.12
C ASP A 412 6.92 21.94 -5.35
N GLU A 413 6.65 20.84 -4.66
CA GLU A 413 5.42 20.70 -3.88
C GLU A 413 5.70 20.33 -2.44
N GLY A 414 6.98 20.13 -2.14
CA GLY A 414 7.35 19.76 -0.78
C GLY A 414 6.97 18.33 -0.48
N ILE A 415 6.94 17.99 0.79
CA ILE A 415 6.57 16.66 1.19
C ILE A 415 5.08 16.44 0.94
N VAL A 416 4.74 15.47 0.10
CA VAL A 416 3.34 15.22 -0.19
C VAL A 416 2.94 13.75 -0.03
N GLU A 417 1.71 13.50 0.36
CA GLU A 417 1.20 12.15 0.52
C GLU A 417 0.24 11.84 -0.62
N PRO A 418 0.09 10.55 -0.97
CA PRO A 418 -0.81 10.20 -2.06
C PRO A 418 -2.21 10.82 -2.00
N GLU A 419 -2.71 11.10 -0.80
CA GLU A 419 -4.02 11.71 -0.66
C GLU A 419 -4.10 13.11 -1.27
N GLU A 420 -2.94 13.77 -1.34
CA GLU A 420 -2.87 15.10 -1.90
C GLU A 420 -2.64 15.11 -3.42
N VAL A 421 -2.65 13.93 -4.04
CA VAL A 421 -2.44 13.81 -5.48
C VAL A 421 -3.74 13.48 -6.21
N ASP A 422 -3.91 14.07 -7.39
CA ASP A 422 -5.10 13.86 -8.21
C ASP A 422 -5.19 12.40 -8.66
N HIS A 423 -6.20 11.70 -8.15
CA HIS A 423 -6.36 10.28 -8.46
C HIS A 423 -6.44 9.93 -9.96
N GLN A 424 -7.18 10.73 -10.72
CA GLN A 424 -7.34 10.50 -12.16
C GLN A 424 -5.99 10.54 -12.91
N TYR A 425 -5.13 11.45 -12.51
CA TYR A 425 -3.82 11.57 -13.13
C TYR A 425 -3.05 10.27 -12.94
N ILE A 426 -2.99 9.81 -11.70
CA ILE A 426 -2.27 8.58 -11.37
C ILE A 426 -2.93 7.37 -12.02
N ILE A 427 -4.22 7.19 -11.79
CA ILE A 427 -4.94 6.04 -12.36
C ILE A 427 -4.85 5.90 -13.87
N ASP A 428 -4.85 7.02 -14.59
CA ASP A 428 -4.77 7.00 -16.05
C ASP A 428 -3.40 6.55 -16.56
N ILE A 429 -2.38 6.71 -15.73
CA ILE A 429 -1.04 6.31 -16.14
C ILE A 429 -0.77 4.86 -15.78
N ALA A 430 -1.29 4.45 -14.62
CA ALA A 430 -1.09 3.10 -14.10
C ALA A 430 -2.03 2.06 -14.69
N LYS A 431 -3.23 2.49 -15.05
CA LYS A 431 -4.28 1.63 -15.61
C LYS A 431 -3.79 0.58 -16.61
N PRO A 432 -2.88 0.95 -17.51
CA PRO A 432 -2.37 0.00 -18.51
C PRO A 432 -1.50 -1.08 -17.88
N TYR A 433 -1.26 -0.96 -16.59
CA TYR A 433 -0.42 -1.90 -15.86
C TYR A 433 -1.20 -2.71 -14.83
N LEU A 434 -2.48 -2.41 -14.67
CA LEU A 434 -3.30 -3.06 -13.66
C LEU A 434 -4.32 -4.09 -14.15
N GLY A 435 -4.20 -4.51 -15.40
CA GLY A 435 -5.14 -5.48 -15.94
C GLY A 435 -6.53 -4.89 -15.99
N LYS A 436 -7.52 -5.68 -15.61
CA LYS A 436 -8.89 -5.19 -15.59
C LYS A 436 -9.12 -4.43 -14.30
N VAL A 437 -9.52 -3.17 -14.42
CA VAL A 437 -9.78 -2.32 -13.28
C VAL A 437 -11.17 -1.70 -13.40
N GLY A 438 -11.91 -1.72 -12.29
CA GLY A 438 -13.25 -1.18 -12.27
C GLY A 438 -13.98 -1.40 -10.94
N GLY A 439 -15.25 -1.01 -10.90
CA GLY A 439 -16.05 -1.15 -9.71
C GLY A 439 -17.04 -2.30 -9.79
N TYR A 440 -17.40 -2.84 -8.63
CA TYR A 440 -18.33 -3.95 -8.57
C TYR A 440 -19.24 -3.79 -7.36
N TYR A 441 -20.53 -3.87 -7.59
CA TYR A 441 -21.54 -3.78 -6.55
C TYR A 441 -21.87 -5.19 -6.11
N THR A 442 -22.30 -5.35 -4.86
CA THR A 442 -22.68 -6.65 -4.35
C THR A 442 -23.64 -6.53 -3.19
N ASP A 443 -24.53 -7.52 -3.08
CA ASP A 443 -25.52 -7.57 -2.01
C ASP A 443 -24.97 -8.30 -0.80
N TRP A 444 -23.67 -8.59 -0.84
CA TRP A 444 -23.02 -9.29 0.26
C TRP A 444 -22.88 -8.42 1.52
N THR A 445 -22.96 -9.06 2.68
CA THR A 445 -22.75 -8.38 3.95
C THR A 445 -22.19 -9.47 4.86
N PRO A 446 -21.47 -9.07 5.93
CA PRO A 446 -20.92 -10.08 6.84
C PRO A 446 -21.99 -10.80 7.64
N LEU A 447 -23.24 -10.48 7.35
CA LEU A 447 -24.37 -11.08 8.05
C LEU A 447 -25.03 -12.25 7.32
N LYS A 448 -24.82 -12.36 6.01
CA LYS A 448 -25.41 -13.46 5.28
C LYS A 448 -24.45 -14.60 4.99
N ASN A 449 -25.00 -15.70 4.47
CA ASN A 449 -24.23 -16.90 4.16
C ASN A 449 -23.58 -17.43 5.43
N ARG A 450 -24.06 -16.93 6.56
CA ARG A 450 -23.55 -17.34 7.86
C ARG A 450 -23.81 -18.80 8.11
N GLY A 451 -23.00 -19.40 8.97
CA GLY A 451 -23.18 -20.81 9.29
C GLY A 451 -24.07 -20.96 10.50
N GLU A 452 -24.33 -22.20 10.87
CA GLU A 452 -25.17 -22.48 12.03
C GLU A 452 -24.53 -23.52 12.96
N LEU A 453 -23.41 -24.11 12.52
CA LEU A 453 -22.74 -25.11 13.35
C LEU A 453 -22.37 -24.48 14.69
N TYR A 454 -21.79 -23.28 14.63
CA TYR A 454 -21.41 -22.55 15.83
C TYR A 454 -21.87 -21.10 15.70
N PRO A 455 -23.09 -20.79 16.19
CA PRO A 455 -23.66 -19.44 16.13
C PRO A 455 -22.82 -18.36 16.80
N GLU A 456 -22.28 -17.45 15.99
CA GLU A 456 -21.48 -16.34 16.50
C GLU A 456 -22.38 -15.14 16.74
N GLU A 457 -22.32 -14.56 17.92
CA GLU A 457 -23.15 -13.41 18.25
C GLU A 457 -22.99 -12.31 17.21
N VAL A 458 -24.12 -11.87 16.65
CA VAL A 458 -24.08 -10.84 15.63
C VAL A 458 -25.05 -9.72 15.95
N ASP A 459 -24.88 -8.60 15.26
CA ASP A 459 -25.74 -7.43 15.45
C ASP A 459 -26.54 -7.24 14.16
N LEU A 460 -27.74 -7.81 14.13
CA LEU A 460 -28.63 -7.74 12.97
C LEU A 460 -29.02 -6.31 12.62
N SER A 461 -28.90 -5.43 13.60
CA SER A 461 -29.24 -4.02 13.44
C SER A 461 -28.41 -3.31 12.38
N ASP A 462 -27.12 -3.59 12.36
CA ASP A 462 -26.23 -2.95 11.41
C ASP A 462 -25.12 -3.92 11.05
N PRO A 463 -25.21 -4.53 9.86
CA PRO A 463 -24.23 -5.49 9.37
C PRO A 463 -22.84 -4.91 9.25
N TRP A 464 -22.76 -3.60 9.07
CA TRP A 464 -21.45 -2.98 8.93
C TRP A 464 -20.73 -2.70 10.24
N GLN A 465 -21.18 -3.34 11.32
CA GLN A 465 -20.53 -3.16 12.63
C GLN A 465 -19.32 -4.07 12.74
N PHE A 466 -18.21 -3.53 13.24
CA PHE A 466 -17.00 -4.33 13.39
C PHE A 466 -17.30 -5.61 14.18
N PHE A 467 -18.29 -5.53 15.06
CA PHE A 467 -18.71 -6.66 15.87
C PHE A 467 -19.08 -7.85 14.97
N ASN A 468 -19.62 -7.58 13.78
CA ASN A 468 -20.01 -8.64 12.84
C ASN A 468 -18.88 -9.05 11.89
N ILE A 469 -18.01 -8.11 11.57
CA ILE A 469 -16.91 -8.36 10.65
C ILE A 469 -15.78 -9.19 11.26
N ARG A 470 -15.36 -8.84 12.46
CA ARG A 470 -14.30 -9.60 13.09
C ARG A 470 -14.75 -11.02 13.42
N VAL A 471 -13.98 -11.99 12.93
CA VAL A 471 -14.28 -13.40 13.16
C VAL A 471 -13.89 -13.77 14.59
N ASN A 472 -14.86 -13.69 15.48
CA ASN A 472 -14.62 -14.02 16.88
C ASN A 472 -14.74 -15.52 17.13
N LEU A 473 -13.66 -16.10 17.64
CA LEU A 473 -13.60 -17.51 17.94
C LEU A 473 -14.65 -17.82 19.01
N GLU A 474 -14.90 -16.84 19.86
CA GLU A 474 -15.86 -16.98 20.96
C GLU A 474 -16.19 -15.60 21.55
S SO4 B . -31.73 2.64 -9.42
O1 SO4 B . -32.99 2.63 -10.17
O2 SO4 B . -31.99 3.07 -8.03
O3 SO4 B . -30.79 3.58 -10.05
O4 SO4 B . -31.16 1.28 -9.42
PA NAD C . 13.84 -5.83 -0.16
O1A NAD C . 14.26 -6.22 1.24
O2A NAD C . 13.57 -6.92 -1.13
O5B NAD C . 14.92 -4.83 -0.82
C5B NAD C . 15.41 -3.71 -0.10
C4B NAD C . 16.80 -3.35 -0.66
O4B NAD C . 17.27 -2.26 0.11
C3B NAD C . 17.85 -4.47 -0.57
O3B NAD C . 18.42 -4.72 -1.85
C2B NAD C . 18.87 -3.93 0.42
O2B NAD C . 20.19 -4.35 0.19
C1B NAD C . 18.65 -2.42 0.34
N9A NAD C . 18.97 -1.68 1.57
C8A NAD C . 18.83 -2.19 2.86
N7A NAD C . 19.81 -1.75 3.68
C5A NAD C . 20.61 -0.96 2.93
C6A NAD C . 21.76 -0.23 3.25
N6A NAD C . 22.30 -0.20 4.46
N1A NAD C . 22.35 0.49 2.22
C2A NAD C . 21.83 0.51 0.94
N3A NAD C . 20.69 -0.19 0.61
C4A NAD C . 20.11 -0.90 1.61
O3 NAD C . 12.50 -5.00 0.03
PN NAD C . 11.55 -4.22 -0.99
O1N NAD C . 10.16 -4.64 -0.70
O2N NAD C . 12.09 -4.41 -2.38
O5D NAD C . 11.89 -2.80 -0.37
C5D NAD C . 11.34 -1.57 -0.78
C4D NAD C . 10.23 -1.28 0.23
O4D NAD C . 9.04 -1.03 -0.48
C3D NAD C . 9.93 -1.23 1.71
O3D NAD C . 10.27 0.02 2.28
C2D NAD C . 8.43 -1.49 1.71
O2D NAD C . 7.79 -1.02 2.86
C1D NAD C . 7.96 -0.83 0.42
N1N NAD C . 6.81 -1.47 -0.28
C2N NAD C . 5.66 -0.74 -0.50
C3N NAD C . 4.60 -1.39 -1.19
C7N NAD C . 3.33 -0.69 -1.50
O7N NAD C . 2.37 -1.39 -2.18
N7N NAD C . 3.12 0.58 -1.18
C4N NAD C . 4.72 -2.75 -1.62
C5N NAD C . 5.91 -3.46 -1.35
C6N NAD C . 6.95 -2.83 -0.70
#